data_8JTL
#
_entry.id   8JTL
#
_cell.length_a   52.410
_cell.length_b   39.370
_cell.length_c   121.940
_cell.angle_alpha   90.000
_cell.angle_beta   93.790
_cell.angle_gamma   90.000
#
_symmetry.space_group_name_H-M   'P 1 21 1'
#
loop_
_entity.id
_entity.type
_entity.pdbx_description
1 polymer '26S proteasome non-ATPase regulatory subunit 4 homolog'
2 polymer 'Sequence-variable mosaic (SVM) signal sequence domain-containing protein'
3 water water
#
loop_
_entity_poly.entity_id
_entity_poly.type
_entity_poly.pdbx_seq_one_letter_code
_entity_poly.pdbx_strand_id
1 'polypeptide(L)'
;GPVLEATMICIDNSEWMRNGDYSPSRLQAQTEAVNLLCGAKTQSNPENTVGILTMAGKGVRVLTTPTSDLGKILACMHGL
DVGGEINLTAAIQIAQLALKHRQNKNQRQRIIVFAGSPIKYEKKALEIVGKRLKKNSVSLDIVNFGEDDDEEKPQKLEAL
LTAVNNNDGSHIVHVPSGANALSDVLLSTPVFTG
;
A,B
2 'polypeptide(L)'
;GPAPHEERVGDMRIVNITFSDINSIKNFQPFSQYFDFTLTGPRYNGNIAQFAMIWKIKNPPHNLLGVFFDNNTRDDEDDK
YTLEELKQMGNGAKNMYIFWQYEQK
;
D,C
#
# COMPACT_ATOMS: atom_id res chain seq x y z
N PRO A 2 5.12 31.18 10.47
CA PRO A 2 6.12 31.73 11.38
C PRO A 2 7.52 31.81 10.75
N VAL A 3 8.57 31.57 11.54
CA VAL A 3 9.97 31.72 11.11
C VAL A 3 10.40 30.54 10.21
N LEU A 4 11.61 30.61 9.67
CA LEU A 4 12.17 29.54 8.88
C LEU A 4 12.84 28.50 9.77
N GLU A 5 12.40 27.26 9.67
CA GLU A 5 12.88 26.30 10.64
C GLU A 5 13.05 24.93 10.03
N ALA A 6 14.16 24.29 10.34
CA ALA A 6 14.37 22.87 10.09
C ALA A 6 14.08 22.13 11.40
N THR A 7 13.28 21.07 11.30
CA THR A 7 12.84 20.32 12.47
C THR A 7 13.13 18.87 12.26
N MET A 8 13.78 18.28 13.25
CA MET A 8 13.96 16.87 13.24
C MET A 8 13.07 16.33 14.35
N ILE A 9 12.09 15.56 13.99
CA ILE A 9 11.17 14.92 14.90
C ILE A 9 11.73 13.56 15.27
N CYS A 10 11.86 13.33 16.55
CA CYS A 10 12.44 12.11 17.08
C CYS A 10 11.27 11.33 17.63
N ILE A 11 10.96 10.26 16.97
CA ILE A 11 9.81 9.38 17.17
C ILE A 11 10.18 8.33 18.19
N ASP A 12 9.30 8.07 19.15
CA ASP A 12 9.48 6.99 20.11
C ASP A 12 8.84 5.75 19.49
N ASN A 13 9.64 4.82 19.05
CA ASN A 13 9.09 3.58 18.53
C ASN A 13 9.55 2.43 19.41
N SER A 14 9.73 2.73 20.68
CA SER A 14 10.15 1.76 21.67
C SER A 14 9.02 0.78 21.98
N GLU A 15 9.40 -0.28 22.69
CA GLU A 15 8.42 -1.30 23.03
C GLU A 15 7.32 -0.71 23.86
N TRP A 16 7.65 0.33 24.62
CA TRP A 16 6.67 0.97 25.46
C TRP A 16 5.56 1.59 24.67
N MET A 17 5.77 1.80 23.36
CA MET A 17 4.78 2.49 22.55
C MET A 17 3.65 1.59 22.13
N ARG A 18 3.72 0.29 22.45
CA ARG A 18 2.59 -0.59 22.18
C ARG A 18 1.48 -0.36 23.18
N ASN A 19 1.79 0.29 24.29
CA ASN A 19 0.81 0.51 25.34
C ASN A 19 -0.45 1.16 24.79
N GLY A 20 -1.59 0.60 25.14
CA GLY A 20 -2.86 1.18 24.76
C GLY A 20 -3.38 2.26 25.68
N ASP A 21 -2.58 2.75 26.64
CA ASP A 21 -3.09 3.77 27.54
C ASP A 21 -3.34 5.08 26.80
N TYR A 22 -2.66 5.30 25.67
CA TYR A 22 -3.09 6.29 24.70
C TYR A 22 -3.69 5.47 23.57
N SER A 23 -4.97 5.68 23.31
CA SER A 23 -5.61 4.75 22.40
C SER A 23 -5.37 5.17 20.95
N PRO A 24 -5.29 4.23 20.03
CA PRO A 24 -5.33 2.77 20.22
C PRO A 24 -3.98 2.28 20.72
N SER A 25 -2.94 3.08 20.50
CA SER A 25 -1.63 2.81 21.05
C SER A 25 -0.92 4.13 21.17
N ARG A 26 0.08 4.16 22.03
CA ARG A 26 0.98 5.31 22.07
C ARG A 26 1.60 5.52 20.70
N LEU A 27 1.97 4.44 20.03
CA LEU A 27 2.58 4.58 18.72
C LEU A 27 1.66 5.36 17.79
N GLN A 28 0.38 4.98 17.78
CA GLN A 28 -0.57 5.58 16.87
C GLN A 28 -0.90 6.99 17.31
N ALA A 29 -1.08 7.20 18.62
CA ALA A 29 -1.30 8.57 19.08
C ALA A 29 -0.12 9.45 18.70
N GLN A 30 1.09 8.92 18.79
CA GLN A 30 2.26 9.67 18.36
C GLN A 30 2.25 9.90 16.85
N THR A 31 1.96 8.86 16.08
CA THR A 31 1.97 9.00 14.63
C THR A 31 1.06 10.12 14.21
N GLU A 32 -0.13 10.17 14.81
CA GLU A 32 -1.09 11.23 14.45
C GLU A 32 -0.57 12.60 14.85
N ALA A 33 -0.05 12.72 16.07
CA ALA A 33 0.55 13.98 16.47
C ALA A 33 1.67 14.35 15.53
N VAL A 34 2.52 13.37 15.19
CA VAL A 34 3.65 13.66 14.34
C VAL A 34 3.17 14.10 12.98
N ASN A 35 2.22 13.36 12.41
CA ASN A 35 1.70 13.75 11.11
C ASN A 35 1.15 15.15 11.16
N LEU A 36 0.36 15.46 12.19
CA LEU A 36 -0.18 16.82 12.30
C LEU A 36 0.94 17.83 12.39
N LEU A 37 1.95 17.52 13.20
CA LEU A 37 3.11 18.39 13.34
C LEU A 37 3.82 18.58 12.02
N CYS A 38 3.99 17.51 11.25
CA CYS A 38 4.59 17.67 9.94
C CYS A 38 3.78 18.61 9.07
N GLY A 39 2.46 18.47 9.09
CA GLY A 39 1.61 19.38 8.38
C GLY A 39 1.78 20.79 8.88
N ALA A 40 1.73 20.98 10.20
CA ALA A 40 1.83 22.31 10.75
C ALA A 40 3.15 22.95 10.39
N LYS A 41 4.25 22.22 10.58
CA LYS A 41 5.56 22.80 10.33
C LYS A 41 5.74 23.13 8.85
N THR A 42 5.31 22.26 7.94
CA THR A 42 5.53 22.58 6.54
C THR A 42 4.60 23.67 6.08
N GLN A 43 3.41 23.74 6.66
CA GLN A 43 2.49 24.79 6.25
C GLN A 43 2.75 26.11 6.97
N SER A 44 3.54 26.09 8.04
CA SER A 44 3.90 27.34 8.71
C SER A 44 4.81 28.20 7.85
N ASN A 45 5.57 27.57 6.99
CA ASN A 45 6.57 28.25 6.18
C ASN A 45 6.97 27.24 5.12
N PRO A 46 6.78 27.57 3.84
CA PRO A 46 7.07 26.60 2.78
C PRO A 46 8.54 26.23 2.68
N GLU A 47 9.44 26.97 3.31
CA GLU A 47 10.83 26.59 3.31
C GLU A 47 11.20 25.83 4.57
N ASN A 48 10.24 25.64 5.47
CA ASN A 48 10.46 24.80 6.62
C ASN A 48 10.78 23.41 6.14
N THR A 49 11.67 22.73 6.85
CA THR A 49 11.90 21.33 6.55
C THR A 49 11.63 20.55 7.81
N VAL A 50 11.19 19.32 7.60
CA VAL A 50 10.88 18.41 8.68
C VAL A 50 11.55 17.11 8.36
N GLY A 51 12.26 16.58 9.34
CA GLY A 51 12.84 15.28 9.18
C GLY A 51 12.30 14.44 10.30
N ILE A 52 12.45 13.13 10.18
CA ILE A 52 11.90 12.23 11.19
C ILE A 52 12.93 11.14 11.41
N LEU A 53 13.18 10.85 12.65
CA LEU A 53 13.94 9.67 12.98
C LEU A 53 13.18 8.93 14.06
N THR A 54 13.45 7.64 14.14
CA THR A 54 12.93 6.81 15.22
C THR A 54 14.07 6.57 16.17
N MET A 55 13.75 6.54 17.45
CA MET A 55 14.77 6.48 18.46
C MET A 55 15.07 5.14 19.06
N ALA A 56 14.25 4.16 18.78
CA ALA A 56 14.38 2.87 19.42
C ALA A 56 14.53 1.82 18.32
N GLY A 57 13.65 0.83 18.32
CA GLY A 57 13.80 -0.24 17.34
C GLY A 57 15.13 -0.94 17.56
N LYS A 58 15.81 -1.21 16.47
CA LYS A 58 17.12 -1.83 16.49
C LYS A 58 18.23 -0.79 16.51
N GLY A 59 17.87 0.47 16.76
CA GLY A 59 18.84 1.55 16.72
C GLY A 59 18.20 2.72 16.03
N VAL A 60 18.73 3.90 16.28
CA VAL A 60 18.11 5.11 15.76
C VAL A 60 18.13 5.03 14.25
N ARG A 61 16.98 5.26 13.65
CA ARG A 61 16.84 5.22 12.21
C ARG A 61 16.29 6.57 11.76
N VAL A 62 17.04 7.25 10.89
CA VAL A 62 16.53 8.44 10.23
C VAL A 62 15.57 7.98 9.14
N LEU A 63 14.29 8.32 9.29
CA LEU A 63 13.32 7.98 8.26
C LEU A 63 13.43 8.95 7.10
N THR A 64 13.59 10.22 7.42
CA THR A 64 13.96 11.18 6.40
C THR A 64 14.78 12.27 7.06
N THR A 65 15.82 12.69 6.38
CA THR A 65 16.43 13.92 6.83
C THR A 65 15.47 15.06 6.51
N PRO A 66 15.66 16.22 7.11
CA PRO A 66 14.66 17.28 6.95
C PRO A 66 14.45 17.63 5.49
N THR A 67 13.18 17.73 5.11
CA THR A 67 12.82 18.04 3.76
C THR A 67 11.58 18.91 3.86
N SER A 68 11.32 19.68 2.82
CA SER A 68 10.02 20.33 2.76
C SER A 68 9.02 19.44 2.05
N ASP A 69 9.46 18.27 1.58
CA ASP A 69 8.61 17.34 0.86
C ASP A 69 7.67 16.67 1.83
N LEU A 70 6.48 17.26 1.99
CA LEU A 70 5.55 16.77 3.00
C LEU A 70 5.15 15.34 2.70
N GLY A 71 4.95 15.02 1.42
CA GLY A 71 4.60 13.66 1.07
C GLY A 71 5.65 12.69 1.55
N LYS A 72 6.91 13.02 1.31
CA LYS A 72 8.04 12.19 1.73
C LYS A 72 8.07 12.05 3.23
N ILE A 73 7.84 13.14 3.92
CA ILE A 73 7.80 13.09 5.37
C ILE A 73 6.68 12.18 5.85
N LEU A 74 5.47 12.43 5.38
CA LEU A 74 4.36 11.67 5.92
C LEU A 74 4.46 10.21 5.53
N ALA A 75 5.02 9.95 4.36
CA ALA A 75 5.23 8.56 3.97
C ALA A 75 6.16 7.86 4.95
N CYS A 76 6.98 8.57 5.69
CA CYS A 76 7.83 7.93 6.66
C CYS A 76 7.06 7.41 7.86
N MET A 77 5.83 7.86 8.06
CA MET A 77 5.11 7.47 9.26
C MET A 77 4.25 6.25 9.04
N HIS A 78 4.29 5.68 7.84
CA HIS A 78 3.63 4.43 7.58
C HIS A 78 4.61 3.28 7.71
N GLY A 79 4.20 2.22 8.39
CA GLY A 79 5.07 1.05 8.49
C GLY A 79 6.22 1.26 9.44
N LEU A 80 5.97 1.89 10.58
CA LEU A 80 7.02 2.03 11.59
C LEU A 80 7.30 0.69 12.25
N ASP A 81 8.58 0.41 12.44
CA ASP A 81 8.92 -0.69 13.32
C ASP A 81 8.84 -0.21 14.78
N VAL A 82 8.65 -1.17 15.66
CA VAL A 82 8.46 -0.94 17.08
C VAL A 82 9.35 -1.90 17.83
N GLY A 83 10.03 -1.40 18.84
CA GLY A 83 10.75 -2.30 19.73
C GLY A 83 11.89 -1.60 20.40
N GLY A 84 12.46 -2.31 21.35
CA GLY A 84 13.63 -1.78 21.96
C GLY A 84 13.25 -0.62 22.85
N GLU A 85 14.27 0.11 23.19
CA GLU A 85 14.09 1.28 24.02
C GLU A 85 14.72 2.44 23.28
N ILE A 86 14.23 3.63 23.58
CA ILE A 86 14.78 4.77 22.87
C ILE A 86 16.23 4.95 23.26
N ASN A 87 17.02 5.35 22.29
CA ASN A 87 18.34 5.89 22.55
C ASN A 87 18.21 7.39 22.35
N LEU A 88 17.85 8.07 23.45
CA LEU A 88 17.52 9.48 23.36
C LEU A 88 18.75 10.29 23.00
N THR A 89 19.91 9.95 23.57
CA THR A 89 21.08 10.76 23.29
C THR A 89 21.59 10.52 21.88
N ALA A 90 21.60 9.27 21.43
CA ALA A 90 21.91 9.01 20.03
C ALA A 90 20.92 9.72 19.13
N ALA A 91 19.62 9.65 19.48
CA ALA A 91 18.60 10.30 18.64
C ALA A 91 18.90 11.78 18.52
N ILE A 92 19.14 12.45 19.65
CA ILE A 92 19.40 13.87 19.58
C ILE A 92 20.67 14.14 18.77
N GLN A 93 21.69 13.31 18.99
CA GLN A 93 22.92 13.44 18.23
C GLN A 93 22.64 13.23 16.74
N ILE A 94 21.89 12.19 16.42
CA ILE A 94 21.64 11.92 15.02
C ILE A 94 20.70 12.96 14.45
N ALA A 95 19.73 13.40 15.25
CA ALA A 95 18.85 14.47 14.80
C ALA A 95 19.65 15.71 14.47
N GLN A 96 20.68 16.01 15.29
CA GLN A 96 21.53 17.15 15.02
C GLN A 96 22.30 16.94 13.75
N LEU A 97 22.72 15.71 13.49
CA LEU A 97 23.42 15.42 12.26
C LEU A 97 22.48 15.61 11.08
N ALA A 98 21.33 14.91 11.12
CA ALA A 98 20.37 15.05 10.03
C ALA A 98 19.97 16.51 9.85
N LEU A 99 19.86 17.24 10.96
CA LEU A 99 19.63 18.66 10.85
C LEU A 99 20.76 19.33 10.10
N LYS A 100 21.99 19.13 10.55
CA LYS A 100 23.11 19.80 9.89
C LYS A 100 23.23 19.36 8.43
N HIS A 101 22.95 18.08 8.13
CA HIS A 101 22.91 17.59 6.74
C HIS A 101 22.02 18.48 5.89
N ARG A 102 20.77 18.70 6.31
CA ARG A 102 19.82 19.37 5.42
C ARG A 102 19.71 20.87 5.64
N GLN A 103 20.45 21.43 6.61
CA GLN A 103 20.25 22.82 6.97
C GLN A 103 20.48 23.75 5.79
N ASN A 104 19.49 24.60 5.54
CA ASN A 104 19.57 25.67 4.56
C ASN A 104 19.88 26.97 5.28
N LYS A 105 20.37 27.94 4.51
CA LYS A 105 20.78 29.21 5.11
C LYS A 105 19.63 29.83 5.89
N ASN A 106 19.95 30.35 7.07
CA ASN A 106 19.03 31.07 7.96
C ASN A 106 17.92 30.20 8.51
N GLN A 107 18.01 28.88 8.38
CA GLN A 107 17.05 27.98 8.98
C GLN A 107 17.44 27.78 10.44
N ARG A 108 16.61 28.28 11.36
CA ARG A 108 16.65 27.79 12.72
C ARG A 108 16.54 26.28 12.72
N GLN A 109 17.06 25.66 13.76
CA GLN A 109 17.06 24.21 13.88
C GLN A 109 16.25 23.83 15.10
N ARG A 110 15.43 22.82 14.97
CA ARG A 110 14.61 22.42 16.09
C ARG A 110 14.59 20.91 16.10
N ILE A 111 14.68 20.36 17.29
CA ILE A 111 14.44 18.95 17.50
C ILE A 111 13.16 18.83 18.28
N ILE A 112 12.33 17.90 17.86
CA ILE A 112 11.16 17.55 18.62
C ILE A 112 11.37 16.13 19.07
N VAL A 113 11.31 15.92 20.37
CA VAL A 113 11.47 14.59 20.89
C VAL A 113 10.13 14.15 21.44
N PHE A 114 9.62 13.03 20.93
CA PHE A 114 8.45 12.40 21.54
C PHE A 114 8.97 11.39 22.55
N ALA A 115 8.81 11.67 23.82
CA ALA A 115 9.40 10.88 24.88
C ALA A 115 8.23 10.10 25.44
N GLY A 116 7.98 8.95 24.85
CA GLY A 116 6.79 8.20 25.17
C GLY A 116 7.15 7.02 26.03
N SER A 117 8.34 7.07 26.61
CA SER A 117 8.85 5.89 27.29
C SER A 117 9.79 6.33 28.41
N PRO A 118 10.22 5.39 29.26
CA PRO A 118 11.10 5.77 30.37
C PRO A 118 12.36 6.45 29.86
N ILE A 119 12.82 7.41 30.63
CA ILE A 119 14.00 8.20 30.30
C ILE A 119 15.11 7.66 31.20
N LYS A 120 15.92 6.75 30.65
CA LYS A 120 16.96 6.08 31.42
C LYS A 120 18.29 6.81 31.31
N TYR A 121 18.27 8.09 31.69
CA TYR A 121 19.45 8.96 31.65
C TYR A 121 19.52 9.71 32.95
N GLU A 122 20.74 10.05 33.35
CA GLU A 122 20.88 10.94 34.49
C GLU A 122 20.48 12.35 34.08
N LYS A 123 19.94 13.07 35.06
CA LYS A 123 19.55 14.45 34.83
C LYS A 123 20.73 15.25 34.29
N LYS A 124 21.89 15.12 34.92
CA LYS A 124 23.05 15.89 34.48
C LYS A 124 23.44 15.57 33.06
N ALA A 125 23.45 14.27 32.70
CA ALA A 125 23.76 13.89 31.34
C ALA A 125 22.82 14.58 30.36
N LEU A 126 21.52 14.57 30.66
CA LEU A 126 20.55 15.24 29.81
C LEU A 126 20.85 16.74 29.74
N GLU A 127 21.15 17.35 30.89
CA GLU A 127 21.44 18.78 30.89
C GLU A 127 22.62 19.08 29.98
N ILE A 128 23.63 18.23 30.01
CA ILE A 128 24.79 18.44 29.14
C ILE A 128 24.38 18.34 27.68
N VAL A 129 23.58 17.34 27.35
CA VAL A 129 23.05 17.26 25.99
C VAL A 129 22.26 18.53 25.66
N GLY A 130 21.39 18.94 26.59
CA GLY A 130 20.60 20.13 26.34
C GLY A 130 21.48 21.35 26.15
N LYS A 131 22.49 21.49 26.99
CA LYS A 131 23.39 22.62 26.84
C LYS A 131 24.11 22.56 25.50
N ARG A 132 24.41 21.36 25.01
CA ARG A 132 25.05 21.26 23.70
C ARG A 132 24.09 21.67 22.58
N LEU A 133 22.83 21.25 22.67
CA LEU A 133 21.83 21.72 21.71
C LEU A 133 21.79 23.23 21.70
N LYS A 134 21.79 23.84 22.89
CA LYS A 134 21.76 25.28 22.97
C LYS A 134 22.96 25.90 22.25
N LYS A 135 24.16 25.37 22.49
CA LYS A 135 25.35 25.91 21.85
C LYS A 135 25.27 25.81 20.35
N ASN A 136 24.64 24.76 19.83
CA ASN A 136 24.48 24.60 18.41
C ASN A 136 23.22 25.25 17.88
N SER A 137 22.59 26.10 18.68
CA SER A 137 21.41 26.87 18.27
C SER A 137 20.26 25.96 17.88
N VAL A 138 20.15 24.84 18.57
CA VAL A 138 19.08 23.89 18.31
C VAL A 138 18.03 24.06 19.40
N SER A 139 16.82 24.34 18.99
CA SER A 139 15.71 24.36 19.91
C SER A 139 15.19 22.94 20.06
N LEU A 140 14.50 22.73 21.15
CA LEU A 140 14.02 21.40 21.43
C LEU A 140 12.57 21.51 21.87
N ASP A 141 11.71 20.66 21.34
CA ASP A 141 10.40 20.51 21.93
C ASP A 141 10.36 19.09 22.46
N ILE A 142 9.90 18.95 23.68
CA ILE A 142 9.75 17.64 24.27
C ILE A 142 8.29 17.38 24.46
N VAL A 143 7.84 16.24 23.96
CA VAL A 143 6.51 15.76 24.24
C VAL A 143 6.66 14.59 25.17
N ASN A 144 6.30 14.79 26.42
CA ASN A 144 6.41 13.78 27.45
C ASN A 144 5.05 13.14 27.62
N PHE A 145 4.96 11.87 27.31
CA PHE A 145 3.70 11.19 27.45
C PHE A 145 3.99 9.76 27.82
N GLY A 146 2.98 9.11 28.33
CA GLY A 146 3.22 7.74 28.72
C GLY A 146 3.44 7.66 30.20
N GLU A 147 2.55 6.94 30.84
CA GLU A 147 2.65 6.66 32.26
C GLU A 147 3.28 5.27 32.37
N ASP A 148 4.60 5.23 32.63
CA ASP A 148 5.38 4.01 32.79
C ASP A 148 6.09 3.94 34.13
N ASP A 149 5.55 4.63 35.14
CA ASP A 149 6.13 4.62 36.48
C ASP A 149 7.57 5.08 36.49
N ASP A 150 7.95 5.93 35.52
CA ASP A 150 9.22 6.63 35.59
C ASP A 150 8.94 7.99 36.25
N GLU A 151 8.94 7.98 37.58
CA GLU A 151 8.55 9.20 38.29
C GLU A 151 9.51 10.35 38.02
N GLU A 152 10.78 10.05 37.77
CA GLU A 152 11.78 11.06 37.51
C GLU A 152 11.69 11.62 36.10
N LYS A 153 10.93 10.94 35.23
CA LYS A 153 10.88 11.34 33.83
C LYS A 153 10.53 12.80 33.60
N PRO A 154 9.40 13.34 34.10
CA PRO A 154 9.12 14.74 33.80
C PRO A 154 10.21 15.67 34.28
N GLN A 155 10.77 15.44 35.46
CA GLN A 155 11.78 16.38 35.91
C GLN A 155 13.06 16.24 35.09
N LYS A 156 13.40 15.02 34.67
CA LYS A 156 14.57 14.87 33.82
C LYS A 156 14.35 15.55 32.48
N LEU A 157 13.14 15.42 31.94
CA LEU A 157 12.88 16.05 30.65
C LEU A 157 12.81 17.56 30.81
N GLU A 158 12.26 18.03 31.94
CA GLU A 158 12.29 19.46 32.24
C GLU A 158 13.72 19.97 32.34
N ALA A 159 14.58 19.20 32.99
CA ALA A 159 15.98 19.61 33.11
C ALA A 159 16.64 19.66 31.74
N LEU A 160 16.32 18.69 30.88
CA LEU A 160 16.79 18.74 29.52
C LEU A 160 16.31 20.01 28.85
N LEU A 161 15.03 20.33 29.05
CA LEU A 161 14.44 21.46 28.34
C LEU A 161 15.06 22.76 28.86
N THR A 162 15.20 22.87 30.18
CA THR A 162 15.86 24.05 30.73
C THR A 162 17.28 24.19 30.18
N ALA A 163 18.02 23.09 30.06
CA ALA A 163 19.39 23.20 29.57
C ALA A 163 19.43 23.72 28.15
N VAL A 164 18.45 23.35 27.34
CA VAL A 164 18.50 23.70 25.93
C VAL A 164 17.89 25.07 25.70
N ASN A 165 16.96 25.46 26.57
CA ASN A 165 16.03 26.52 26.24
C ASN A 165 16.75 27.84 26.06
N ASN A 166 16.54 28.44 24.90
CA ASN A 166 17.15 29.72 24.56
C ASN A 166 16.03 30.63 24.11
N ASN A 167 15.81 31.73 24.83
CA ASN A 167 14.76 32.68 24.47
C ASN A 167 13.41 31.99 24.32
N ASP A 168 13.14 31.00 25.20
CA ASP A 168 11.85 30.31 25.22
C ASP A 168 11.52 29.64 23.90
N GLY A 169 12.54 29.33 23.10
CA GLY A 169 12.32 28.62 21.85
C GLY A 169 12.05 27.15 22.06
N SER A 170 12.40 26.62 23.23
CA SER A 170 12.25 25.21 23.52
C SER A 170 11.06 25.03 24.45
N HIS A 171 10.37 23.90 24.33
CA HIS A 171 9.20 23.70 25.15
C HIS A 171 9.08 22.24 25.52
N ILE A 172 8.42 22.01 26.61
CA ILE A 172 8.05 20.67 27.02
C ILE A 172 6.56 20.64 27.24
N VAL A 173 5.93 19.59 26.78
CA VAL A 173 4.53 19.36 27.03
C VAL A 173 4.46 18.05 27.78
N HIS A 174 3.81 18.07 28.92
CA HIS A 174 3.52 16.84 29.64
C HIS A 174 2.09 16.47 29.32
N VAL A 175 1.92 15.37 28.60
CA VAL A 175 0.61 14.94 28.12
C VAL A 175 0.19 13.67 28.85
N PRO A 176 -0.73 13.79 29.80
CA PRO A 176 -1.33 12.58 30.39
C PRO A 176 -2.17 11.82 29.37
N SER A 177 -2.35 10.53 29.64
CA SER A 177 -3.35 9.78 28.91
C SER A 177 -4.72 10.22 29.43
N GLY A 178 -5.64 10.45 28.52
CA GLY A 178 -6.96 10.89 28.92
C GLY A 178 -7.88 10.90 27.73
N ALA A 179 -9.00 11.61 27.88
CA ALA A 179 -9.90 11.79 26.76
C ALA A 179 -9.24 12.61 25.66
N ASN A 180 -8.38 13.55 26.04
CA ASN A 180 -7.71 14.41 25.08
C ASN A 180 -6.59 13.62 24.44
N ALA A 181 -6.76 13.27 23.16
CA ALA A 181 -5.72 12.60 22.39
C ALA A 181 -4.43 13.40 22.44
N LEU A 182 -3.31 12.67 22.39
CA LEU A 182 -1.99 13.30 22.37
C LEU A 182 -1.96 14.46 21.40
N SER A 183 -2.43 14.21 20.18
CA SER A 183 -2.37 15.26 19.17
C SER A 183 -3.26 16.45 19.54
N ASP A 184 -4.45 16.23 20.10
CA ASP A 184 -5.28 17.39 20.41
C ASP A 184 -4.68 18.21 21.55
N VAL A 185 -4.07 17.56 22.53
CA VAL A 185 -3.32 18.28 23.56
C VAL A 185 -2.23 19.13 22.92
N LEU A 186 -1.39 18.51 22.07
CA LEU A 186 -0.28 19.25 21.49
C LEU A 186 -0.73 20.42 20.61
N LEU A 187 -1.88 20.29 19.96
CA LEU A 187 -2.31 21.30 19.01
C LEU A 187 -2.38 22.65 19.66
N SER A 188 -2.75 22.69 20.94
CA SER A 188 -2.86 23.93 21.68
C SER A 188 -1.56 24.36 22.32
N THR A 189 -0.48 23.61 22.15
CA THR A 189 0.77 23.93 22.81
C THR A 189 1.75 24.56 21.87
N PRO A 190 2.83 25.14 22.41
CA PRO A 190 3.81 25.77 21.54
C PRO A 190 4.49 24.82 20.59
N VAL A 191 4.40 23.50 20.83
CA VAL A 191 4.95 22.58 19.85
C VAL A 191 4.32 22.85 18.50
N PHE A 192 3.03 23.16 18.50
CA PHE A 192 2.34 23.56 17.29
C PHE A 192 2.25 25.06 17.12
N THR A 193 2.13 25.82 18.21
CA THR A 193 1.85 27.24 18.03
C THR A 193 3.10 28.12 18.01
N GLY A 194 4.26 27.59 18.38
CA GLY A 194 5.52 28.32 18.33
C GLY A 194 5.88 29.05 19.62
N PRO B 2 3.68 -30.46 -14.30
CA PRO B 2 3.70 -31.17 -15.57
C PRO B 2 4.12 -30.26 -16.73
N VAL B 3 3.12 -29.70 -17.43
CA VAL B 3 3.40 -28.86 -18.60
C VAL B 3 4.34 -27.73 -18.20
N LEU B 4 5.45 -27.58 -18.95
CA LEU B 4 6.42 -26.48 -18.74
C LEU B 4 5.94 -25.45 -19.67
N GLU B 5 5.71 -24.26 -19.20
CA GLU B 5 4.94 -23.28 -19.97
C GLU B 5 5.35 -21.87 -19.61
N ALA B 6 5.54 -21.04 -20.62
CA ALA B 6 5.48 -19.60 -20.46
C ALA B 6 4.07 -19.18 -20.86
N THR B 7 3.42 -18.42 -20.00
CA THR B 7 2.05 -18.00 -20.23
C THR B 7 2.01 -16.50 -20.18
N MET B 8 1.35 -15.90 -21.14
CA MET B 8 1.14 -14.50 -21.15
C MET B 8 -0.37 -14.33 -20.97
N ILE B 9 -0.75 -13.68 -19.91
CA ILE B 9 -2.16 -13.50 -19.60
C ILE B 9 -2.53 -12.11 -20.08
N CYS B 10 -3.51 -12.06 -20.94
CA CYS B 10 -4.00 -10.82 -21.51
C CYS B 10 -5.27 -10.46 -20.79
N ILE B 11 -5.23 -9.33 -20.11
CA ILE B 11 -6.27 -8.87 -19.19
C ILE B 11 -7.14 -7.86 -19.89
N ASP B 12 -8.44 -8.03 -19.73
CA ASP B 12 -9.40 -7.08 -20.25
C ASP B 12 -9.54 -6.00 -19.21
N ASN B 13 -9.01 -4.81 -19.46
CA ASN B 13 -9.22 -3.69 -18.55
C ASN B 13 -9.99 -2.59 -19.29
N SER B 14 -10.86 -3.01 -20.19
CA SER B 14 -11.67 -2.09 -20.96
C SER B 14 -12.70 -1.44 -20.08
N GLU B 15 -13.34 -0.41 -20.64
CA GLU B 15 -14.45 0.24 -19.96
C GLU B 15 -15.55 -0.75 -19.61
N TRP B 16 -15.76 -1.77 -20.44
CA TRP B 16 -16.77 -2.78 -20.15
C TRP B 16 -16.53 -3.48 -18.83
N MET B 17 -15.29 -3.43 -18.32
CA MET B 17 -14.93 -4.12 -17.09
C MET B 17 -15.48 -3.43 -15.87
N ARG B 18 -15.90 -2.17 -15.99
CA ARG B 18 -16.49 -1.53 -14.84
C ARG B 18 -17.81 -2.16 -14.46
N ASN B 19 -18.38 -2.96 -15.34
CA ASN B 19 -19.72 -3.49 -15.15
C ASN B 19 -19.81 -4.38 -13.91
N GLY B 20 -20.84 -4.18 -13.12
CA GLY B 20 -21.01 -4.99 -11.94
C GLY B 20 -21.78 -6.26 -12.16
N ASP B 21 -22.06 -6.63 -13.41
CA ASP B 21 -22.85 -7.82 -13.65
C ASP B 21 -22.09 -9.07 -13.23
N TYR B 22 -20.77 -9.00 -13.23
CA TYR B 22 -19.92 -9.94 -12.52
C TYR B 22 -19.55 -9.24 -11.23
N SER B 23 -19.99 -9.76 -10.15
CA SER B 23 -19.87 -9.05 -8.88
C SER B 23 -18.46 -9.15 -8.35
N PRO B 24 -17.90 -8.05 -7.82
CA PRO B 24 -18.47 -6.70 -7.75
C PRO B 24 -18.26 -5.91 -9.03
N SER B 25 -17.32 -6.39 -9.82
CA SER B 25 -17.07 -5.80 -11.11
C SER B 25 -16.40 -6.88 -11.93
N ARG B 26 -16.60 -6.80 -13.24
CA ARG B 26 -15.91 -7.73 -14.11
C ARG B 26 -14.43 -7.63 -13.88
N LEU B 27 -13.93 -6.41 -13.69
CA LEU B 27 -12.51 -6.26 -13.42
C LEU B 27 -12.09 -7.08 -12.21
N GLN B 28 -12.86 -6.96 -11.14
CA GLN B 28 -12.47 -7.68 -9.92
C GLN B 28 -12.61 -9.18 -10.11
N ALA B 29 -13.70 -9.61 -10.76
CA ALA B 29 -13.89 -11.03 -11.03
C ALA B 29 -12.72 -11.53 -11.86
N GLN B 30 -12.31 -10.76 -12.87
CA GLN B 30 -11.19 -11.14 -13.71
C GLN B 30 -9.90 -11.15 -12.90
N THR B 31 -9.67 -10.10 -12.12
CA THR B 31 -8.43 -10.04 -11.35
C THR B 31 -8.28 -11.25 -10.48
N GLU B 32 -9.35 -11.70 -9.87
CA GLU B 32 -9.23 -12.86 -9.00
C GLU B 32 -8.93 -14.10 -9.81
N ALA B 33 -9.64 -14.26 -10.93
CA ALA B 33 -9.33 -15.38 -11.81
C ALA B 33 -7.89 -15.31 -12.24
N VAL B 34 -7.43 -14.11 -12.60
CA VAL B 34 -6.07 -13.98 -13.06
C VAL B 34 -5.10 -14.33 -11.94
N ASN B 35 -5.33 -13.80 -10.75
CA ASN B 35 -4.43 -14.11 -9.67
C ASN B 35 -4.36 -15.60 -9.44
N LEU B 36 -5.52 -16.24 -9.38
CA LEU B 36 -5.54 -17.68 -9.15
C LEU B 36 -4.77 -18.38 -10.23
N LEU B 37 -4.94 -17.93 -11.47
CA LEU B 37 -4.27 -18.54 -12.61
C LEU B 37 -2.78 -18.35 -12.51
N CYS B 38 -2.33 -17.13 -12.13
CA CYS B 38 -0.90 -16.93 -11.93
C CYS B 38 -0.37 -17.85 -10.86
N GLY B 39 -1.13 -17.99 -9.77
CA GLY B 39 -0.74 -18.94 -8.75
C GLY B 39 -0.69 -20.35 -9.29
N ALA B 40 -1.76 -20.78 -9.96
CA ALA B 40 -1.77 -22.16 -10.43
C ALA B 40 -0.66 -22.41 -11.44
N LYS B 41 -0.44 -21.47 -12.36
CA LYS B 41 0.59 -21.67 -13.39
C LYS B 41 1.97 -21.70 -12.76
N THR B 42 2.26 -20.76 -11.84
CA THR B 42 3.59 -20.70 -11.28
C THR B 42 3.87 -21.88 -10.37
N GLN B 43 2.83 -22.41 -9.73
CA GLN B 43 3.06 -23.50 -8.80
C GLN B 43 3.01 -24.86 -9.47
N SER B 44 2.37 -24.97 -10.64
CA SER B 44 2.33 -26.27 -11.30
C SER B 44 3.72 -26.73 -11.69
N ASN B 45 4.61 -25.79 -11.97
CA ASN B 45 5.97 -26.04 -12.43
C ASN B 45 6.84 -24.87 -12.09
N PRO B 46 7.89 -25.08 -11.28
CA PRO B 46 8.75 -23.97 -10.87
C PRO B 46 9.42 -23.26 -12.00
N GLU B 47 9.48 -23.84 -13.20
CA GLU B 47 10.03 -23.12 -14.33
C GLU B 47 8.96 -22.53 -15.22
N ASN B 48 7.70 -22.64 -14.82
CA ASN B 48 6.69 -21.92 -15.56
C ASN B 48 6.93 -20.46 -15.37
N THR B 49 6.60 -19.69 -16.39
CA THR B 49 6.65 -18.24 -16.27
C THR B 49 5.31 -17.70 -16.69
N VAL B 50 4.93 -16.61 -16.06
CA VAL B 50 3.66 -15.98 -16.32
C VAL B 50 3.94 -14.52 -16.50
N GLY B 51 3.40 -13.94 -17.58
CA GLY B 51 3.44 -12.51 -17.77
C GLY B 51 2.00 -12.06 -17.87
N ILE B 52 1.83 -10.76 -17.82
CA ILE B 52 0.52 -10.16 -17.83
C ILE B 52 0.59 -8.94 -18.69
N LEU B 53 -0.40 -8.76 -19.53
CA LEU B 53 -0.59 -7.51 -20.20
C LEU B 53 -2.05 -7.15 -20.09
N THR B 54 -2.32 -5.89 -20.28
CA THR B 54 -3.66 -5.37 -20.29
C THR B 54 -3.92 -4.99 -21.73
N MET B 55 -5.14 -5.21 -22.17
CA MET B 55 -5.50 -5.10 -23.57
C MET B 55 -6.12 -3.77 -23.91
N ALA B 56 -6.58 -3.06 -22.89
CA ALA B 56 -7.39 -1.87 -23.10
C ALA B 56 -6.77 -0.73 -22.34
N GLY B 57 -7.55 -0.08 -21.48
CA GLY B 57 -7.04 1.02 -20.70
C GLY B 57 -6.66 2.16 -21.61
N LYS B 58 -5.48 2.71 -21.38
CA LYS B 58 -4.96 3.79 -22.19
C LYS B 58 -4.07 3.26 -23.32
N GLY B 59 -4.23 1.98 -23.67
CA GLY B 59 -3.43 1.29 -24.67
C GLY B 59 -2.88 -0.02 -24.15
N VAL B 60 -2.57 -0.98 -25.03
CA VAL B 60 -2.03 -2.25 -24.56
C VAL B 60 -0.73 -2.02 -23.80
N ARG B 61 -0.60 -2.70 -22.67
CA ARG B 61 0.54 -2.46 -21.79
C ARG B 61 0.92 -3.80 -21.18
N VAL B 62 2.19 -4.17 -21.31
CA VAL B 62 2.74 -5.39 -20.71
C VAL B 62 3.08 -5.07 -19.26
N LEU B 63 2.34 -5.63 -18.33
CA LEU B 63 2.65 -5.33 -16.92
C LEU B 63 3.93 -6.04 -16.52
N THR B 64 4.07 -7.30 -16.90
CA THR B 64 5.34 -7.96 -16.78
C THR B 64 5.44 -8.94 -17.93
N THR B 65 6.61 -9.02 -18.53
CA THR B 65 6.88 -10.16 -19.37
C THR B 65 6.88 -11.41 -18.51
N PRO B 66 6.74 -12.58 -19.14
CA PRO B 66 6.60 -13.81 -18.34
C PRO B 66 7.76 -13.96 -17.38
N THR B 67 7.41 -14.29 -16.16
CA THR B 67 8.39 -14.41 -15.11
C THR B 67 7.92 -15.50 -14.18
N SER B 68 8.87 -16.11 -13.50
CA SER B 68 8.56 -17.06 -12.45
C SER B 68 8.30 -16.38 -11.13
N ASP B 69 8.48 -15.07 -11.08
CA ASP B 69 8.47 -14.32 -9.82
C ASP B 69 7.01 -14.01 -9.51
N LEU B 70 6.41 -14.83 -8.67
CA LEU B 70 4.98 -14.75 -8.47
C LEU B 70 4.60 -13.44 -7.81
N GLY B 71 5.43 -12.98 -6.88
CA GLY B 71 5.15 -11.70 -6.25
C GLY B 71 5.14 -10.58 -7.25
N LYS B 72 6.10 -10.59 -8.17
CA LYS B 72 6.14 -9.60 -9.23
C LYS B 72 4.90 -9.67 -10.09
N ILE B 73 4.48 -10.88 -10.47
CA ILE B 73 3.27 -11.04 -11.26
C ILE B 73 2.08 -10.45 -10.54
N LEU B 74 1.84 -10.94 -9.33
CA LEU B 74 0.66 -10.55 -8.58
C LEU B 74 0.68 -9.07 -8.27
N ALA B 75 1.86 -8.51 -8.06
CA ALA B 75 1.95 -7.08 -7.79
C ALA B 75 1.46 -6.27 -8.99
N CYS B 76 1.49 -6.87 -10.18
CA CYS B 76 0.97 -6.21 -11.35
C CYS B 76 -0.53 -6.09 -11.35
N MET B 77 -1.19 -6.91 -10.56
CA MET B 77 -2.64 -6.94 -10.62
C MET B 77 -3.26 -5.84 -9.77
N HIS B 78 -2.43 -5.14 -9.00
CA HIS B 78 -2.92 -4.08 -8.11
C HIS B 78 -2.87 -2.75 -8.84
N GLY B 79 -3.97 -2.03 -8.82
CA GLY B 79 -3.99 -0.69 -9.36
C GLY B 79 -3.95 -0.71 -10.86
N LEU B 80 -4.81 -1.53 -11.47
CA LEU B 80 -4.95 -1.55 -12.91
C LEU B 80 -5.67 -0.29 -13.37
N ASP B 81 -5.27 0.23 -14.52
CA ASP B 81 -6.07 1.25 -15.12
C ASP B 81 -7.18 0.59 -15.93
N VAL B 82 -8.23 1.36 -16.19
CA VAL B 82 -9.44 0.85 -16.79
C VAL B 82 -9.92 1.90 -17.76
N GLY B 83 -10.20 1.47 -18.98
CA GLY B 83 -10.87 2.32 -19.94
C GLY B 83 -10.71 1.77 -21.33
N GLY B 84 -11.39 2.43 -22.26
CA GLY B 84 -11.19 2.06 -23.64
C GLY B 84 -11.77 0.69 -23.99
N GLU B 85 -11.25 0.15 -25.07
CA GLU B 85 -11.68 -1.13 -25.58
C GLU B 85 -10.46 -2.00 -25.70
N ILE B 86 -10.65 -3.30 -25.55
CA ILE B 86 -9.50 -4.18 -25.70
C ILE B 86 -9.02 -4.12 -27.13
N ASN B 87 -7.71 -4.13 -27.28
CA ASN B 87 -7.09 -4.28 -28.57
C ASN B 87 -6.61 -5.72 -28.59
N LEU B 88 -7.55 -6.63 -28.87
CA LEU B 88 -7.25 -8.06 -28.80
C LEU B 88 -6.12 -8.44 -29.73
N THR B 89 -6.11 -7.90 -30.95
CA THR B 89 -5.07 -8.29 -31.90
C THR B 89 -3.72 -7.75 -31.47
N ALA B 90 -3.67 -6.49 -31.07
CA ALA B 90 -2.41 -5.94 -30.58
C ALA B 90 -1.94 -6.71 -29.35
N ALA B 91 -2.87 -7.07 -28.46
CA ALA B 91 -2.51 -7.79 -27.24
C ALA B 91 -1.95 -9.16 -27.57
N ILE B 92 -2.62 -9.90 -28.44
CA ILE B 92 -2.14 -11.22 -28.83
C ILE B 92 -0.78 -11.10 -29.51
N GLN B 93 -0.65 -10.14 -30.42
CA GLN B 93 0.62 -9.86 -31.07
C GLN B 93 1.73 -9.65 -30.06
N ILE B 94 1.50 -8.71 -29.14
CA ILE B 94 2.49 -8.41 -28.11
C ILE B 94 2.74 -9.62 -27.23
N ALA B 95 1.67 -10.30 -26.81
CA ALA B 95 1.84 -11.49 -25.98
C ALA B 95 2.69 -12.53 -26.68
N GLN B 96 2.44 -12.74 -27.98
CA GLN B 96 3.25 -13.65 -28.77
C GLN B 96 4.72 -13.25 -28.72
N LEU B 97 5.01 -11.96 -28.92
CA LEU B 97 6.40 -11.52 -28.89
C LEU B 97 7.03 -11.82 -27.54
N ALA B 98 6.31 -11.54 -26.45
CA ALA B 98 6.87 -11.83 -25.12
C ALA B 98 7.18 -13.30 -24.99
N LEU B 99 6.32 -14.15 -25.55
CA LEU B 99 6.48 -15.59 -25.45
C LEU B 99 7.61 -16.08 -26.34
N LYS B 100 7.69 -15.58 -27.57
CA LYS B 100 8.85 -15.92 -28.40
C LYS B 100 10.15 -15.54 -27.71
N HIS B 101 10.14 -14.42 -26.97
CA HIS B 101 11.35 -13.94 -26.30
C HIS B 101 11.70 -14.71 -25.04
N ARG B 102 10.93 -15.74 -24.69
CA ARG B 102 11.13 -16.41 -23.42
C ARG B 102 12.54 -17.00 -23.34
N GLN B 103 13.10 -16.98 -22.12
CA GLN B 103 14.49 -17.38 -21.93
C GLN B 103 14.65 -18.89 -22.02
N ASN B 104 13.75 -19.62 -21.38
CA ASN B 104 13.79 -21.07 -21.44
C ASN B 104 12.97 -21.51 -22.64
N LYS B 105 13.64 -21.70 -23.77
CA LYS B 105 12.91 -22.07 -24.98
C LYS B 105 12.20 -23.41 -24.85
N ASN B 106 12.58 -24.25 -23.88
CA ASN B 106 11.82 -25.49 -23.66
C ASN B 106 10.36 -25.19 -23.36
N GLN B 107 10.08 -23.98 -22.97
CA GLN B 107 8.74 -23.67 -22.57
C GLN B 107 7.78 -23.68 -23.65
N ARG B 108 6.62 -24.23 -23.36
CA ARG B 108 5.57 -24.12 -24.29
C ARG B 108 5.09 -22.70 -24.14
N GLN B 109 4.36 -22.22 -25.12
CA GLN B 109 3.91 -20.88 -25.10
C GLN B 109 2.39 -20.85 -25.05
N ARG B 110 1.85 -20.06 -24.14
CA ARG B 110 0.42 -20.00 -24.00
C ARG B 110 0.03 -18.55 -23.77
N ILE B 111 -0.97 -18.10 -24.50
CA ILE B 111 -1.62 -16.83 -24.25
C ILE B 111 -2.94 -17.16 -23.60
N ILE B 112 -3.23 -16.55 -22.46
CA ILE B 112 -4.55 -16.62 -21.90
C ILE B 112 -5.19 -15.26 -22.12
N VAL B 113 -6.33 -15.26 -22.79
CA VAL B 113 -7.07 -14.05 -23.02
C VAL B 113 -8.33 -14.09 -22.18
N PHE B 114 -8.49 -13.05 -21.39
CA PHE B 114 -9.73 -12.76 -20.70
C PHE B 114 -10.45 -11.78 -21.60
N ALA B 115 -11.43 -12.28 -22.33
CA ALA B 115 -12.23 -11.43 -23.19
C ALA B 115 -13.53 -11.13 -22.45
N GLY B 116 -13.59 -9.96 -21.82
CA GLY B 116 -14.73 -9.62 -20.99
C GLY B 116 -15.49 -8.50 -21.61
N SER B 117 -15.27 -8.30 -22.91
CA SER B 117 -15.80 -7.14 -23.61
C SER B 117 -15.97 -7.52 -25.08
N PRO B 118 -16.70 -6.71 -25.86
CA PRO B 118 -17.06 -7.13 -27.22
C PRO B 118 -15.85 -7.33 -28.12
N ILE B 119 -15.91 -8.34 -28.97
CA ILE B 119 -14.81 -8.66 -29.88
C ILE B 119 -15.11 -7.95 -31.19
N LYS B 120 -14.53 -6.75 -31.36
CA LYS B 120 -14.86 -5.85 -32.47
C LYS B 120 -14.11 -6.17 -33.74
N TYR B 121 -13.43 -7.31 -33.80
CA TYR B 121 -12.66 -7.68 -34.98
C TYR B 121 -13.42 -8.71 -35.80
N GLU B 122 -13.22 -8.63 -37.11
CA GLU B 122 -13.87 -9.57 -38.01
C GLU B 122 -13.48 -10.99 -37.63
N LYS B 123 -14.44 -11.91 -37.72
CA LYS B 123 -14.15 -13.30 -37.40
C LYS B 123 -12.99 -13.83 -38.22
N LYS B 124 -13.00 -13.56 -39.53
CA LYS B 124 -11.91 -14.01 -40.39
C LYS B 124 -10.58 -13.47 -39.92
N ALA B 125 -10.54 -12.19 -39.56
CA ALA B 125 -9.33 -11.62 -38.99
C ALA B 125 -8.89 -12.41 -37.75
N LEU B 126 -9.85 -12.92 -36.97
CA LEU B 126 -9.52 -13.69 -35.78
C LEU B 126 -9.07 -15.10 -36.10
N GLU B 127 -9.69 -15.77 -37.07
CA GLU B 127 -9.14 -17.08 -37.40
C GLU B 127 -7.74 -16.94 -37.98
N ILE B 128 -7.48 -15.86 -38.73
CA ILE B 128 -6.12 -15.58 -39.17
C ILE B 128 -5.19 -15.55 -37.97
N VAL B 129 -5.45 -14.62 -37.04
CA VAL B 129 -4.68 -14.58 -35.79
C VAL B 129 -4.50 -15.97 -35.21
N GLY B 130 -5.59 -16.72 -35.11
CA GLY B 130 -5.52 -18.06 -34.54
C GLY B 130 -4.51 -18.93 -35.28
N LYS B 131 -4.61 -18.96 -36.61
CA LYS B 131 -3.68 -19.79 -37.37
C LYS B 131 -2.26 -19.28 -37.22
N ARG B 132 -2.07 -17.95 -37.18
CA ARG B 132 -0.74 -17.41 -36.93
C ARG B 132 -0.19 -17.96 -35.61
N LEU B 133 -1.04 -17.96 -34.57
CA LEU B 133 -0.58 -18.47 -33.28
C LEU B 133 -0.27 -19.95 -33.37
N LYS B 134 -1.14 -20.70 -34.05
CA LYS B 134 -0.88 -22.13 -34.25
C LYS B 134 0.44 -22.34 -34.99
N LYS B 135 0.70 -21.55 -36.04
CA LYS B 135 1.99 -21.66 -36.73
C LYS B 135 3.13 -21.42 -35.77
N ASN B 136 3.00 -20.38 -34.96
CA ASN B 136 4.04 -20.02 -34.02
C ASN B 136 3.99 -20.85 -32.75
N SER B 137 3.23 -21.95 -32.78
CA SER B 137 3.19 -22.95 -31.71
C SER B 137 2.71 -22.34 -30.39
N VAL B 138 1.83 -21.35 -30.46
CA VAL B 138 1.28 -20.69 -29.28
C VAL B 138 -0.09 -21.29 -29.03
N SER B 139 -0.28 -21.82 -27.83
CA SER B 139 -1.59 -22.22 -27.37
C SER B 139 -2.35 -21.02 -26.85
N LEU B 140 -3.67 -21.11 -26.91
CA LEU B 140 -4.46 -19.99 -26.48
C LEU B 140 -5.57 -20.52 -25.60
N ASP B 141 -5.75 -19.91 -24.44
CA ASP B 141 -6.94 -20.14 -23.66
C ASP B 141 -7.73 -18.85 -23.71
N ILE B 142 -9.02 -18.97 -23.95
CA ILE B 142 -9.88 -17.80 -24.02
C ILE B 142 -10.87 -17.93 -22.90
N VAL B 143 -10.91 -16.94 -22.03
CA VAL B 143 -11.96 -16.85 -21.05
C VAL B 143 -12.94 -15.83 -21.60
N ASN B 144 -14.09 -16.31 -21.99
CA ASN B 144 -15.12 -15.48 -22.59
C ASN B 144 -16.15 -15.22 -21.51
N PHE B 145 -16.24 -13.98 -21.08
CA PHE B 145 -17.16 -13.57 -20.04
C PHE B 145 -17.65 -12.19 -20.42
N GLY B 146 -18.67 -11.72 -19.73
CA GLY B 146 -19.21 -10.43 -20.07
C GLY B 146 -20.48 -10.55 -20.87
N GLU B 147 -21.58 -10.14 -20.25
CA GLU B 147 -22.91 -10.11 -20.85
C GLU B 147 -23.08 -8.75 -21.52
N ASP B 148 -22.47 -8.62 -22.69
CA ASP B 148 -22.53 -7.37 -23.43
C ASP B 148 -23.40 -7.47 -24.65
N ASP B 149 -23.97 -8.64 -24.81
CA ASP B 149 -24.90 -8.93 -25.87
C ASP B 149 -24.35 -8.99 -27.27
N ASP B 150 -23.08 -9.32 -27.39
CA ASP B 150 -22.54 -9.48 -28.69
C ASP B 150 -22.57 -10.98 -28.82
N GLU B 151 -23.43 -11.43 -29.73
CA GLU B 151 -23.63 -12.81 -29.97
C GLU B 151 -22.56 -13.38 -30.83
N GLU B 152 -21.89 -12.53 -31.58
CA GLU B 152 -20.84 -13.02 -32.46
C GLU B 152 -19.67 -13.43 -31.60
N LYS B 153 -19.40 -12.69 -30.52
CA LYS B 153 -18.22 -12.97 -29.65
C LYS B 153 -17.93 -14.42 -29.37
N PRO B 154 -18.85 -15.17 -28.69
CA PRO B 154 -18.43 -16.56 -28.45
C PRO B 154 -18.07 -17.26 -29.75
N GLN B 155 -18.87 -17.05 -30.79
CA GLN B 155 -18.59 -17.69 -32.06
C GLN B 155 -17.29 -17.17 -32.67
N LYS B 156 -17.08 -15.86 -32.62
CA LYS B 156 -15.80 -15.32 -33.06
C LYS B 156 -14.65 -15.92 -32.25
N LEU B 157 -14.83 -16.03 -30.93
CA LEU B 157 -13.76 -16.58 -30.10
C LEU B 157 -13.64 -18.09 -30.28
N GLU B 158 -14.75 -18.80 -30.47
CA GLU B 158 -14.64 -20.19 -30.89
C GLU B 158 -13.87 -20.29 -32.19
N ALA B 159 -14.13 -19.38 -33.13
CA ALA B 159 -13.44 -19.44 -34.41
C ALA B 159 -11.96 -19.16 -34.22
N LEU B 160 -11.63 -18.16 -33.40
CA LEU B 160 -10.25 -17.99 -32.98
C LEU B 160 -9.74 -19.27 -32.36
N LEU B 161 -10.47 -19.84 -31.39
CA LEU B 161 -10.06 -21.10 -30.79
C LEU B 161 -9.81 -22.20 -31.82
N THR B 162 -10.80 -22.47 -32.69
CA THR B 162 -10.65 -23.51 -33.69
C THR B 162 -9.34 -23.36 -34.45
N ALA B 163 -9.09 -22.14 -34.92
CA ALA B 163 -7.93 -21.88 -35.75
C ALA B 163 -6.64 -22.15 -35.00
N VAL B 164 -6.56 -21.69 -33.73
CA VAL B 164 -5.28 -21.84 -33.04
C VAL B 164 -5.12 -23.23 -32.45
N ASN B 165 -6.20 -23.97 -32.22
CA ASN B 165 -6.09 -25.12 -31.34
C ASN B 165 -5.21 -26.21 -31.95
N ASN B 166 -4.33 -26.76 -31.13
CA ASN B 166 -3.43 -27.79 -31.62
C ASN B 166 -3.26 -28.78 -30.50
N ASN B 167 -3.54 -30.05 -30.76
CA ASN B 167 -3.34 -31.10 -29.77
C ASN B 167 -4.11 -30.80 -28.48
N ASP B 168 -5.29 -30.19 -28.60
CA ASP B 168 -6.11 -29.80 -27.45
C ASP B 168 -5.35 -28.89 -26.47
N GLY B 169 -4.38 -28.12 -26.96
CA GLY B 169 -3.67 -27.17 -26.14
C GLY B 169 -4.39 -25.87 -25.92
N SER B 170 -5.42 -25.61 -26.71
CA SER B 170 -6.14 -24.35 -26.65
C SER B 170 -7.57 -24.58 -26.21
N HIS B 171 -8.12 -23.65 -25.45
CA HIS B 171 -9.41 -23.88 -24.84
C HIS B 171 -10.15 -22.57 -24.77
N ILE B 172 -11.45 -22.69 -24.76
CA ILE B 172 -12.29 -21.53 -24.54
C ILE B 172 -13.22 -21.89 -23.41
N VAL B 173 -13.40 -20.97 -22.49
CA VAL B 173 -14.41 -21.14 -21.46
C VAL B 173 -15.33 -19.94 -21.57
N HIS B 174 -16.62 -20.22 -21.67
CA HIS B 174 -17.64 -19.19 -21.77
C HIS B 174 -18.24 -19.09 -20.39
N VAL B 175 -18.03 -17.96 -19.73
CA VAL B 175 -18.46 -17.85 -18.35
C VAL B 175 -19.42 -16.67 -18.22
N PRO B 176 -20.71 -16.91 -18.31
CA PRO B 176 -21.67 -15.88 -17.95
C PRO B 176 -21.60 -15.61 -16.45
N SER B 177 -22.07 -14.43 -16.07
CA SER B 177 -22.17 -14.12 -14.67
C SER B 177 -23.24 -15.00 -14.03
N GLY B 178 -23.05 -15.29 -12.75
CA GLY B 178 -24.01 -16.09 -12.04
C GLY B 178 -23.55 -16.36 -10.63
N ALA B 179 -24.09 -17.46 -10.09
CA ALA B 179 -23.81 -17.82 -8.70
C ALA B 179 -22.34 -18.10 -8.48
N ASN B 180 -21.64 -18.57 -9.50
CA ASN B 180 -20.23 -18.88 -9.39
C ASN B 180 -19.45 -17.68 -9.86
N ALA B 181 -18.40 -17.35 -9.11
CA ALA B 181 -17.42 -16.39 -9.60
C ALA B 181 -16.74 -16.92 -10.85
N LEU B 182 -16.38 -15.99 -11.73
CA LEU B 182 -15.57 -16.32 -12.89
C LEU B 182 -14.46 -17.30 -12.55
N SER B 183 -13.65 -17.00 -11.53
CA SER B 183 -12.55 -17.89 -11.16
C SER B 183 -13.04 -19.29 -10.81
N ASP B 184 -14.16 -19.39 -10.08
CA ASP B 184 -14.64 -20.72 -9.70
C ASP B 184 -15.05 -21.52 -10.90
N VAL B 185 -15.61 -20.88 -11.91
CA VAL B 185 -15.98 -21.61 -13.12
C VAL B 185 -14.73 -22.11 -13.82
N LEU B 186 -13.72 -21.26 -13.90
CA LEU B 186 -12.51 -21.62 -14.60
C LEU B 186 -11.74 -22.73 -13.88
N LEU B 187 -11.83 -22.81 -12.55
CA LEU B 187 -11.02 -23.79 -11.81
C LEU B 187 -11.29 -25.21 -12.28
N SER B 188 -12.48 -25.46 -12.76
CA SER B 188 -12.80 -26.79 -13.25
C SER B 188 -12.51 -26.96 -14.73
N THR B 189 -11.96 -25.94 -15.38
CA THR B 189 -11.67 -26.02 -16.80
C THR B 189 -10.20 -26.26 -17.04
N PRO B 190 -9.85 -26.67 -18.26
CA PRO B 190 -8.43 -26.82 -18.60
C PRO B 190 -7.63 -25.55 -18.51
N VAL B 191 -8.26 -24.37 -18.53
CA VAL B 191 -7.52 -23.15 -18.25
C VAL B 191 -6.75 -23.29 -16.94
N PHE B 192 -7.33 -24.01 -15.98
CA PHE B 192 -6.67 -24.28 -14.70
C PHE B 192 -6.13 -25.69 -14.54
N THR B 193 -6.85 -26.69 -15.02
CA THR B 193 -6.40 -28.06 -14.84
C THR B 193 -5.34 -28.48 -15.85
N GLY B 194 -5.17 -27.74 -16.95
CA GLY B 194 -4.24 -28.14 -17.98
C GLY B 194 -4.89 -29.22 -18.80
N PRO C 2 -0.90 5.75 -16.39
CA PRO C 2 -0.71 4.33 -16.09
C PRO C 2 0.76 4.05 -15.84
N ALA C 3 1.11 3.64 -14.63
CA ALA C 3 2.48 3.31 -14.32
C ALA C 3 2.43 2.10 -13.39
N PRO C 4 3.54 1.38 -13.24
CA PRO C 4 3.55 0.25 -12.31
C PRO C 4 3.25 0.74 -10.89
N HIS C 5 2.36 0.03 -10.23
CA HIS C 5 2.19 0.26 -8.80
C HIS C 5 3.25 -0.55 -8.08
N GLU C 6 3.89 0.06 -7.09
CA GLU C 6 4.74 -0.76 -6.25
C GLU C 6 4.55 -0.37 -4.81
N GLU C 7 4.46 -1.37 -3.97
CA GLU C 7 4.55 -1.14 -2.55
C GLU C 7 5.67 -2.03 -2.07
N ARG C 8 6.53 -1.50 -1.22
CA ARG C 8 7.63 -2.31 -0.78
C ARG C 8 8.17 -1.77 0.53
N VAL C 9 8.84 -2.65 1.24
CA VAL C 9 9.68 -2.28 2.37
C VAL C 9 11.04 -2.88 2.11
N GLY C 10 12.04 -2.03 1.87
CA GLY C 10 13.36 -2.49 1.52
C GLY C 10 13.31 -3.41 0.33
N ASP C 11 13.85 -4.60 0.50
CA ASP C 11 13.89 -5.60 -0.55
C ASP C 11 12.58 -6.33 -0.70
N MET C 12 11.66 -6.14 0.22
CA MET C 12 10.45 -6.94 0.22
C MET C 12 9.33 -6.23 -0.49
N ARG C 13 8.84 -6.90 -1.53
CA ARG C 13 7.70 -6.42 -2.25
C ARG C 13 6.47 -6.66 -1.41
N ILE C 14 5.58 -5.69 -1.43
CA ILE C 14 4.31 -5.84 -0.77
C ILE C 14 3.26 -6.01 -1.84
N VAL C 15 2.57 -7.14 -1.77
CA VAL C 15 1.69 -7.55 -2.85
C VAL C 15 0.31 -7.56 -2.28
N ASN C 16 -0.48 -6.60 -2.67
CA ASN C 16 -1.83 -6.48 -2.18
C ASN C 16 -2.72 -7.25 -3.13
N ILE C 17 -3.48 -8.14 -2.59
CA ILE C 17 -4.35 -8.99 -3.38
C ILE C 17 -5.71 -8.91 -2.76
N THR C 18 -6.72 -8.67 -3.58
CA THR C 18 -8.04 -8.48 -3.05
C THR C 18 -8.98 -9.53 -3.57
N PHE C 19 -9.76 -10.09 -2.67
CA PHE C 19 -10.76 -11.10 -3.00
C PHE C 19 -12.10 -10.64 -2.46
N SER C 20 -13.15 -11.00 -3.13
CA SER C 20 -14.47 -10.69 -2.61
C SER C 20 -14.80 -11.70 -1.52
N ASP C 21 -14.20 -12.89 -1.59
CA ASP C 21 -14.42 -13.94 -0.59
C ASP C 21 -13.11 -14.59 -0.23
N ILE C 22 -12.79 -14.65 1.06
CA ILE C 22 -11.56 -15.31 1.44
C ILE C 22 -11.56 -16.74 0.95
N ASN C 23 -12.74 -17.34 0.80
CA ASN C 23 -12.76 -18.74 0.38
C ASN C 23 -12.22 -18.93 -1.01
N SER C 24 -12.21 -17.90 -1.84
CA SER C 24 -11.54 -18.03 -3.12
C SER C 24 -10.09 -18.40 -2.95
N ILE C 25 -9.48 -18.02 -1.82
CA ILE C 25 -8.06 -18.23 -1.66
C ILE C 25 -7.78 -19.70 -1.46
N LYS C 26 -8.80 -20.47 -1.08
CA LYS C 26 -8.65 -21.92 -1.08
C LYS C 26 -8.13 -22.43 -2.41
N ASN C 27 -8.42 -21.74 -3.52
CA ASN C 27 -7.97 -22.20 -4.83
C ASN C 27 -6.75 -21.44 -5.32
N PHE C 28 -6.14 -20.67 -4.45
CA PHE C 28 -5.03 -19.80 -4.79
C PHE C 28 -3.73 -20.45 -4.35
N GLN C 29 -3.11 -21.12 -5.26
CA GLN C 29 -1.78 -21.63 -5.01
C GLN C 29 -0.78 -20.50 -5.11
N PRO C 30 0.25 -20.49 -4.27
CA PRO C 30 0.52 -21.50 -3.24
C PRO C 30 -0.11 -21.11 -1.93
N PHE C 31 -0.72 -19.94 -1.94
CA PHE C 31 -1.10 -19.31 -0.68
C PHE C 31 -2.05 -20.14 0.13
N SER C 32 -2.94 -20.88 -0.54
CA SER C 32 -3.95 -21.62 0.17
C SER C 32 -3.34 -22.50 1.24
N GLN C 33 -2.19 -23.06 0.95
CA GLN C 33 -1.52 -23.96 1.87
C GLN C 33 -1.10 -23.33 3.17
N TYR C 34 -1.15 -22.02 3.24
CA TYR C 34 -0.77 -21.31 4.44
C TYR C 34 -1.96 -20.83 5.21
N PHE C 35 -3.13 -20.85 4.60
CA PHE C 35 -4.33 -20.36 5.23
C PHE C 35 -4.97 -21.48 6.00
N ASP C 36 -5.43 -21.12 7.17
CA ASP C 36 -6.34 -21.94 7.94
C ASP C 36 -7.68 -21.24 7.86
N PHE C 37 -8.56 -21.77 7.03
CA PHE C 37 -9.80 -21.07 6.74
C PHE C 37 -10.83 -21.24 7.82
N THR C 38 -10.49 -21.85 8.94
CA THR C 38 -11.38 -21.86 10.09
C THR C 38 -11.11 -20.70 11.03
N LEU C 39 -10.05 -19.95 10.80
CA LEU C 39 -9.62 -18.94 11.74
C LEU C 39 -10.45 -17.67 11.52
N THR C 40 -10.77 -17.00 12.63
CA THR C 40 -11.45 -15.71 12.62
C THR C 40 -10.39 -14.64 12.83
N GLY C 41 -10.44 -13.60 12.03
CA GLY C 41 -9.52 -12.50 12.21
C GLY C 41 -8.32 -12.75 11.35
N PRO C 42 -7.85 -11.71 10.65
CA PRO C 42 -6.76 -11.93 9.71
C PRO C 42 -5.50 -12.28 10.47
N ARG C 43 -4.74 -13.15 9.87
CA ARG C 43 -3.57 -13.71 10.50
C ARG C 43 -2.38 -13.44 9.62
N TYR C 44 -1.21 -13.49 10.23
CA TYR C 44 0.01 -13.52 9.48
C TYR C 44 0.78 -14.75 9.92
N ASN C 45 1.78 -15.07 9.13
CA ASN C 45 2.60 -16.24 9.35
C ASN C 45 3.94 -15.85 9.93
N GLY C 46 4.34 -16.65 10.94
CA GLY C 46 5.66 -16.59 11.52
C GLY C 46 6.71 -17.31 10.71
N ASN C 47 6.29 -18.14 9.76
CA ASN C 47 7.21 -18.91 8.94
C ASN C 47 6.41 -19.44 7.76
N ILE C 48 7.04 -20.21 6.89
CA ILE C 48 6.27 -20.70 5.75
C ILE C 48 5.98 -22.19 5.92
N ALA C 49 5.79 -22.62 7.16
CA ALA C 49 5.14 -23.91 7.39
C ALA C 49 3.76 -23.93 6.76
N GLN C 50 3.30 -25.14 6.43
CA GLN C 50 1.90 -25.31 6.09
C GLN C 50 1.03 -24.70 7.18
N PHE C 51 -0.03 -24.01 6.75
CA PHE C 51 -1.04 -23.46 7.61
C PHE C 51 -0.46 -22.49 8.60
N ALA C 52 0.60 -21.81 8.24
CA ALA C 52 1.25 -20.91 9.14
C ALA C 52 0.54 -19.61 9.45
N MET C 53 -0.44 -19.23 8.68
CA MET C 53 -1.04 -17.94 8.92
C MET C 53 -1.99 -18.06 10.08
N ILE C 54 -1.47 -17.95 11.27
CA ILE C 54 -2.29 -18.16 12.45
C ILE C 54 -2.22 -17.01 13.43
N TRP C 55 -1.25 -16.11 13.31
CA TRP C 55 -1.03 -15.12 14.36
C TRP C 55 -1.94 -13.93 14.11
N LYS C 56 -2.75 -13.58 15.11
CA LYS C 56 -3.73 -12.52 14.88
C LYS C 56 -3.04 -11.19 14.67
N ILE C 57 -3.35 -10.57 13.55
CA ILE C 57 -2.87 -9.22 13.31
C ILE C 57 -3.60 -8.28 14.23
N LYS C 58 -2.87 -7.34 14.79
CA LYS C 58 -3.43 -6.42 15.78
C LYS C 58 -4.24 -5.35 15.07
N ASN C 59 -5.45 -5.07 15.60
CA ASN C 59 -6.34 -4.02 15.09
C ASN C 59 -6.38 -3.97 13.57
N PRO C 60 -6.69 -5.09 12.94
CA PRO C 60 -6.63 -5.14 11.49
C PRO C 60 -7.69 -4.25 10.89
N PRO C 61 -7.41 -3.67 9.71
CA PRO C 61 -8.45 -3.04 8.93
C PRO C 61 -9.56 -4.04 8.74
N HIS C 62 -10.78 -3.55 8.69
CA HIS C 62 -11.92 -4.44 8.60
C HIS C 62 -11.83 -5.31 7.33
N ASN C 63 -11.18 -4.80 6.28
CA ASN C 63 -11.08 -5.54 5.03
C ASN C 63 -9.80 -6.34 4.91
N LEU C 64 -9.00 -6.42 5.98
CA LEU C 64 -7.77 -7.22 5.91
C LEU C 64 -8.13 -8.69 6.09
N LEU C 65 -7.70 -9.53 5.17
CA LEU C 65 -7.95 -10.96 5.26
C LEU C 65 -6.77 -11.72 5.84
N GLY C 66 -5.57 -11.30 5.54
CA GLY C 66 -4.43 -11.99 6.08
C GLY C 66 -3.17 -11.45 5.47
N VAL C 67 -2.07 -11.92 6.01
CA VAL C 67 -0.76 -11.53 5.55
C VAL C 67 0.03 -12.79 5.42
N PHE C 68 0.63 -12.99 4.28
CA PHE C 68 1.53 -14.11 4.08
C PHE C 68 2.89 -13.56 3.67
N PHE C 69 3.92 -13.81 4.47
CA PHE C 69 5.29 -13.53 4.09
C PHE C 69 5.88 -14.79 3.47
N ASP C 70 6.50 -14.63 2.33
CA ASP C 70 6.81 -15.82 1.55
C ASP C 70 8.10 -16.47 1.93
N ASN C 71 8.81 -15.95 2.92
CA ASN C 71 10.01 -16.62 3.39
C ASN C 71 10.40 -16.13 4.77
N ASN C 72 11.36 -16.84 5.34
CA ASN C 72 11.97 -16.47 6.59
C ASN C 72 10.96 -16.53 7.70
N THR C 73 11.38 -16.08 8.87
CA THR C 73 10.58 -16.22 10.06
C THR C 73 10.53 -14.89 10.78
N ARG C 74 9.52 -14.77 11.60
CA ARG C 74 9.35 -13.53 12.33
C ARG C 74 8.66 -13.85 13.64
N ASP C 75 8.67 -12.88 14.50
CA ASP C 75 7.99 -13.01 15.73
C ASP C 75 6.58 -13.45 15.57
N ASP C 76 6.11 -14.31 16.44
CA ASP C 76 4.83 -14.98 16.32
C ASP C 76 3.97 -14.65 17.53
N GLU C 77 3.15 -13.61 17.44
CA GLU C 77 2.28 -13.29 18.56
C GLU C 77 0.94 -12.86 18.04
N ASP C 78 -0.08 -13.14 18.82
CA ASP C 78 -1.40 -12.61 18.53
C ASP C 78 -1.55 -11.19 19.05
N ASP C 79 -2.28 -10.40 18.29
CA ASP C 79 -2.76 -9.13 18.74
C ASP C 79 -1.64 -8.20 19.20
N LYS C 80 -0.52 -8.29 18.51
CA LYS C 80 0.63 -7.47 18.83
C LYS C 80 1.03 -6.60 17.66
N TYR C 81 1.15 -7.20 16.48
CA TYR C 81 1.68 -6.54 15.32
C TYR C 81 0.53 -6.09 14.45
N THR C 82 0.43 -4.79 14.27
CA THR C 82 -0.47 -4.28 13.28
C THR C 82 0.04 -4.62 11.88
N LEU C 83 -0.84 -4.45 10.91
CA LEU C 83 -0.45 -4.66 9.52
C LEU C 83 0.72 -3.76 9.16
N GLU C 84 0.70 -2.53 9.65
CA GLU C 84 1.79 -1.64 9.29
C GLU C 84 3.10 -2.14 9.87
N GLU C 85 3.05 -2.59 11.11
CA GLU C 85 4.26 -3.06 11.72
C GLU C 85 4.74 -4.33 11.03
N LEU C 86 3.79 -5.20 10.66
CA LEU C 86 4.15 -6.41 9.91
C LEU C 86 4.92 -6.07 8.66
N LYS C 87 4.65 -4.92 8.05
CA LYS C 87 5.43 -4.56 6.87
C LYS C 87 6.90 -4.43 7.17
N GLN C 88 7.30 -4.25 8.43
CA GLN C 88 8.69 -4.19 8.81
C GLN C 88 9.23 -5.53 9.25
N MET C 89 8.43 -6.58 9.16
CA MET C 89 8.72 -7.85 9.79
C MET C 89 8.95 -8.95 8.74
N GLY C 90 9.17 -8.56 7.48
CA GLY C 90 9.46 -9.54 6.46
C GLY C 90 10.64 -10.42 6.84
N ASN C 91 11.65 -9.79 7.47
CA ASN C 91 12.82 -10.50 8.01
C ASN C 91 13.55 -11.26 6.92
N GLY C 92 13.58 -10.70 5.72
CA GLY C 92 14.18 -11.36 4.60
C GLY C 92 13.19 -11.88 3.59
N ALA C 93 11.91 -12.03 3.97
CA ALA C 93 10.90 -12.38 3.00
C ALA C 93 11.02 -11.47 1.79
N LYS C 94 10.86 -12.04 0.62
CA LYS C 94 10.90 -11.21 -0.56
C LYS C 94 9.54 -10.64 -0.90
N ASN C 95 8.49 -11.27 -0.41
CA ASN C 95 7.14 -10.82 -0.73
C ASN C 95 6.34 -10.89 0.52
N MET C 96 5.63 -9.82 0.77
CA MET C 96 4.62 -9.76 1.80
C MET C 96 3.31 -9.68 1.06
N TYR C 97 2.55 -10.76 1.13
CA TYR C 97 1.26 -10.79 0.50
C TYR C 97 0.23 -10.34 1.50
N ILE C 98 -0.47 -9.29 1.16
CA ILE C 98 -1.52 -8.78 2.00
C ILE C 98 -2.82 -9.03 1.29
N PHE C 99 -3.64 -9.87 1.88
CA PHE C 99 -4.89 -10.25 1.28
C PHE C 99 -5.98 -9.38 1.86
N TRP C 100 -6.79 -8.88 0.99
CA TRP C 100 -7.77 -7.89 1.33
C TRP C 100 -9.12 -8.39 0.86
N GLN C 101 -10.14 -7.99 1.56
CA GLN C 101 -11.47 -8.29 1.18
C GLN C 101 -12.05 -7.15 0.39
N TYR C 102 -12.54 -7.44 -0.77
CA TYR C 102 -13.26 -6.47 -1.56
C TYR C 102 -14.52 -6.08 -0.79
N GLU C 103 -14.72 -4.80 -0.62
CA GLU C 103 -15.91 -4.28 0.08
C GLU C 103 -16.82 -3.71 -0.98
N GLN C 104 -17.90 -4.41 -1.25
CA GLN C 104 -18.80 -3.90 -2.27
C GLN C 104 -19.85 -3.03 -1.61
N LYS C 105 -20.25 -1.98 -2.32
CA LYS C 105 -21.26 -1.04 -1.82
C LYS C 105 -20.81 -0.30 -0.60
N PRO D 2 14.17 -3.56 9.61
CA PRO D 2 13.53 -2.27 9.27
C PRO D 2 14.09 -1.61 8.02
N ALA D 3 13.21 -1.14 7.15
CA ALA D 3 13.63 -0.49 5.91
C ALA D 3 12.57 0.52 5.55
N PRO D 4 12.85 1.43 4.62
CA PRO D 4 11.81 2.39 4.23
C PRO D 4 10.64 1.68 3.60
N HIS D 5 9.46 2.05 4.05
CA HIS D 5 8.27 1.74 3.31
C HIS D 5 8.08 2.70 2.13
N GLU D 6 7.61 2.16 1.03
CA GLU D 6 7.35 3.00 -0.11
C GLU D 6 6.15 2.43 -0.83
N GLU D 7 5.18 3.27 -1.10
CA GLU D 7 4.15 2.89 -2.05
C GLU D 7 4.15 3.96 -3.12
N ARG D 8 4.12 3.55 -4.36
CA ARG D 8 4.11 4.57 -5.40
C ARG D 8 3.46 4.02 -6.65
N VAL D 9 3.04 4.96 -7.51
CA VAL D 9 2.69 4.65 -8.87
C VAL D 9 3.51 5.58 -9.73
N GLY D 10 4.46 5.03 -10.47
CA GLY D 10 5.32 5.86 -11.29
C GLY D 10 6.01 6.87 -10.41
N ASP D 11 5.92 8.14 -10.80
CA ASP D 11 6.56 9.14 -9.97
C ASP D 11 5.68 9.66 -8.87
N MET D 12 4.52 9.08 -8.67
CA MET D 12 3.59 9.57 -7.67
C MET D 12 3.78 8.74 -6.40
N ARG D 13 4.22 9.40 -5.34
CA ARG D 13 4.29 8.76 -4.05
C ARG D 13 2.88 8.53 -3.51
N ILE D 14 2.65 7.37 -2.92
CA ILE D 14 1.38 7.11 -2.30
C ILE D 14 1.62 7.16 -0.82
N VAL D 15 0.92 8.08 -0.17
CA VAL D 15 1.20 8.42 1.21
C VAL D 15 0.00 7.95 2.00
N ASN D 16 0.18 6.87 2.72
CA ASN D 16 -0.87 6.32 3.55
C ASN D 16 -0.81 6.95 4.91
N ILE D 17 -1.89 7.63 5.28
CA ILE D 17 -1.97 8.33 6.54
C ILE D 17 -3.17 7.78 7.28
N THR D 18 -2.95 7.37 8.51
CA THR D 18 -3.97 6.70 9.29
C THR D 18 -4.25 7.50 10.54
N PHE D 19 -5.52 7.80 10.77
CA PHE D 19 -5.95 8.47 11.98
C PHE D 19 -7.01 7.65 12.68
N SER D 20 -7.04 7.73 14.00
CA SER D 20 -8.10 7.05 14.74
C SER D 20 -9.44 7.71 14.49
N ASP D 21 -9.47 9.02 14.45
CA ASP D 21 -10.70 9.71 14.19
C ASP D 21 -10.63 10.70 13.06
N ILE D 22 -11.65 10.69 12.25
CA ILE D 22 -11.64 11.54 11.07
C ILE D 22 -11.47 12.99 11.42
N ASN D 23 -11.91 13.35 12.59
CA ASN D 23 -11.84 14.73 12.94
C ASN D 23 -10.45 15.23 13.20
N SER D 24 -9.50 14.36 13.38
CA SER D 24 -8.15 14.81 13.53
C SER D 24 -7.62 15.34 12.23
N ILE D 25 -8.22 14.92 11.13
CA ILE D 25 -7.76 15.46 9.87
C ILE D 25 -8.10 16.93 9.77
N LYS D 26 -9.16 17.39 10.45
CA LYS D 26 -9.47 18.81 10.55
C LYS D 26 -8.30 19.65 11.01
N ASN D 27 -7.39 19.06 11.78
CA ASN D 27 -6.26 19.83 12.27
C ASN D 27 -5.03 19.48 11.48
N PHE D 28 -5.20 18.75 10.40
CA PHE D 28 -4.09 18.28 9.59
C PHE D 28 -3.90 19.21 8.42
N GLN D 29 -3.01 20.18 8.58
CA GLN D 29 -2.78 21.08 7.46
C GLN D 29 -1.85 20.43 6.45
N PRO D 30 -2.05 20.68 5.15
CA PRO D 30 -3.15 21.49 4.62
C PRO D 30 -4.34 20.62 4.31
N PHE D 31 -4.23 19.33 4.55
CA PHE D 31 -5.24 18.39 4.07
C PHE D 31 -6.62 18.69 4.63
N SER D 32 -6.69 19.33 5.80
CA SER D 32 -7.99 19.72 6.31
C SER D 32 -8.75 20.58 5.32
N GLN D 33 -8.04 21.37 4.53
CA GLN D 33 -8.69 22.30 3.61
C GLN D 33 -9.24 21.63 2.35
N TYR D 34 -8.76 20.42 2.05
CA TYR D 34 -9.14 19.66 0.88
C TYR D 34 -10.25 18.67 1.19
N PHE D 35 -10.26 18.16 2.40
CA PHE D 35 -11.38 17.33 2.78
C PHE D 35 -12.62 18.19 2.80
N ASP D 36 -13.75 17.54 2.58
CA ASP D 36 -15.03 18.16 2.79
C ASP D 36 -15.67 17.32 3.89
N PHE D 37 -15.54 17.77 5.12
CA PHE D 37 -16.03 16.96 6.23
C PHE D 37 -17.54 16.99 6.37
N THR D 38 -18.27 17.62 5.47
CA THR D 38 -19.72 17.49 5.42
C THR D 38 -20.16 16.27 4.63
N LEU D 39 -19.25 15.58 3.96
CA LEU D 39 -19.62 14.50 3.07
C LEU D 39 -19.48 13.17 3.80
N THR D 40 -20.25 12.20 3.34
CA THR D 40 -20.25 10.86 3.91
C THR D 40 -19.56 9.94 2.93
N GLY D 41 -18.60 9.19 3.42
CA GLY D 41 -17.94 8.25 2.57
C GLY D 41 -16.73 8.89 1.96
N PRO D 42 -15.70 8.09 1.72
CA PRO D 42 -14.42 8.68 1.33
C PRO D 42 -14.47 9.18 -0.10
N ARG D 43 -13.81 10.31 -0.28
CA ARG D 43 -13.84 11.05 -1.53
C ARG D 43 -12.44 11.27 -2.00
N TYR D 44 -12.32 11.52 -3.28
CA TYR D 44 -11.08 11.98 -3.85
C TYR D 44 -11.31 13.32 -4.52
N ASN D 45 -10.23 14.02 -4.77
CA ASN D 45 -10.34 15.30 -5.43
C ASN D 45 -10.04 15.17 -6.92
N GLY D 46 -10.84 15.87 -7.71
CA GLY D 46 -10.59 15.95 -9.14
C GLY D 46 -9.61 17.02 -9.51
N ASN D 47 -9.28 17.89 -8.57
CA ASN D 47 -8.35 18.98 -8.79
C ASN D 47 -7.95 19.52 -7.43
N ILE D 48 -7.11 20.55 -7.46
CA ILE D 48 -6.74 21.29 -6.28
C ILE D 48 -7.74 22.42 -6.11
N ALA D 49 -8.48 22.37 -5.03
CA ALA D 49 -9.41 23.42 -4.66
C ALA D 49 -9.69 23.17 -3.20
N GLN D 50 -10.06 24.23 -2.49
CA GLN D 50 -10.54 24.02 -1.13
C GLN D 50 -11.72 23.08 -1.17
N PHE D 51 -11.74 22.14 -0.23
CA PHE D 51 -12.79 21.14 -0.10
C PHE D 51 -13.00 20.37 -1.39
N ALA D 52 -11.93 20.14 -2.15
CA ALA D 52 -12.06 19.45 -3.43
C ALA D 52 -12.31 17.95 -3.30
N MET D 53 -12.10 17.34 -2.14
CA MET D 53 -12.20 15.88 -2.03
C MET D 53 -13.70 15.59 -1.91
N ILE D 54 -14.36 15.58 -3.05
CA ILE D 54 -15.79 15.40 -3.05
C ILE D 54 -16.26 14.18 -3.82
N TRP D 55 -15.40 13.56 -4.63
CA TRP D 55 -15.86 12.53 -5.56
C TRP D 55 -15.83 11.18 -4.86
N LYS D 56 -16.98 10.53 -4.83
CA LYS D 56 -17.12 9.29 -4.07
C LYS D 56 -16.22 8.24 -4.67
N ILE D 57 -15.32 7.69 -3.85
CA ILE D 57 -14.53 6.56 -4.29
C ILE D 57 -15.44 5.35 -4.31
N LYS D 58 -15.26 4.48 -5.29
CA LYS D 58 -16.21 3.41 -5.47
C LYS D 58 -15.78 2.25 -4.59
N ASN D 59 -16.76 1.58 -3.96
CA ASN D 59 -16.44 0.40 -3.16
C ASN D 59 -15.23 0.61 -2.29
N PRO D 60 -15.21 1.67 -1.50
CA PRO D 60 -14.03 1.95 -0.72
C PRO D 60 -13.87 0.92 0.39
N PRO D 61 -12.67 0.61 0.77
CA PRO D 61 -12.45 -0.07 2.07
C PRO D 61 -13.20 0.65 3.17
N HIS D 62 -13.75 -0.11 4.11
CA HIS D 62 -14.50 0.47 5.22
C HIS D 62 -13.70 1.55 5.96
N ASN D 63 -12.38 1.39 6.08
CA ASN D 63 -11.62 2.39 6.81
C ASN D 63 -10.94 3.42 5.92
N LEU D 64 -11.25 3.45 4.62
CA LEU D 64 -10.74 4.55 3.78
C LEU D 64 -11.46 5.84 4.13
N LEU D 65 -10.70 6.92 4.33
CA LEU D 65 -11.31 8.19 4.71
C LEU D 65 -11.36 9.17 3.57
N GLY D 66 -10.43 9.03 2.66
CA GLY D 66 -10.36 9.99 1.58
C GLY D 66 -9.07 9.81 0.83
N VAL D 67 -9.03 10.38 -0.36
CA VAL D 67 -7.83 10.40 -1.16
C VAL D 67 -7.60 11.83 -1.59
N PHE D 68 -6.40 12.31 -1.37
CA PHE D 68 -6.04 13.62 -1.86
C PHE D 68 -4.85 13.50 -2.79
N PHE D 69 -5.04 13.87 -4.04
CA PHE D 69 -3.97 14.04 -4.99
C PHE D 69 -3.46 15.47 -4.94
N ASP D 70 -2.18 15.61 -4.78
CA ASP D 70 -1.67 16.93 -4.43
C ASP D 70 -1.45 17.83 -5.63
N ASN D 71 -1.64 17.33 -6.86
CA ASN D 71 -1.55 18.24 -7.98
C ASN D 71 -2.37 17.70 -9.13
N ASN D 72 -2.63 18.58 -10.09
CA ASN D 72 -3.18 18.20 -11.38
C ASN D 72 -4.65 17.87 -11.22
N THR D 73 -5.23 17.38 -12.29
CA THR D 73 -6.64 17.13 -12.32
C THR D 73 -6.85 15.73 -12.83
N ARG D 74 -8.03 15.22 -12.55
CA ARG D 74 -8.37 13.90 -13.00
C ARG D 74 -9.86 13.87 -13.13
N ASP D 75 -10.34 12.83 -13.80
CA ASP D 75 -11.77 12.69 -13.97
C ASP D 75 -12.47 12.67 -12.63
N ASP D 76 -13.61 13.33 -12.59
CA ASP D 76 -14.31 13.64 -11.35
C ASP D 76 -15.70 13.02 -11.41
N GLU D 77 -15.85 11.80 -10.87
CA GLU D 77 -17.14 11.13 -10.92
C GLU D 77 -17.33 10.36 -9.63
N ASP D 78 -18.57 10.29 -9.15
CA ASP D 78 -18.88 9.50 -7.97
C ASP D 78 -19.01 8.04 -8.35
N ASP D 79 -18.58 7.18 -7.42
CA ASP D 79 -18.93 5.77 -7.47
C ASP D 79 -18.39 5.11 -8.73
N LYS D 80 -17.33 5.67 -9.30
CA LYS D 80 -16.72 5.11 -10.49
C LYS D 80 -15.35 4.52 -10.24
N TYR D 81 -14.50 5.21 -9.49
CA TYR D 81 -13.10 4.84 -9.32
C TYR D 81 -12.92 4.23 -7.95
N THR D 82 -12.50 2.98 -7.94
CA THR D 82 -12.04 2.40 -6.69
C THR D 82 -10.75 3.07 -6.29
N LEU D 83 -10.38 2.81 -5.06
CA LEU D 83 -9.10 3.26 -4.56
C LEU D 83 -7.96 2.78 -5.46
N GLU D 84 -7.97 1.51 -5.84
CA GLU D 84 -6.89 0.99 -6.67
C GLU D 84 -6.80 1.75 -7.98
N GLU D 85 -7.93 1.95 -8.62
CA GLU D 85 -7.90 2.65 -9.89
C GLU D 85 -7.38 4.06 -9.70
N LEU D 86 -7.81 4.71 -8.62
CA LEU D 86 -7.34 6.06 -8.36
C LEU D 86 -5.83 6.12 -8.22
N LYS D 87 -5.17 5.02 -7.88
CA LYS D 87 -3.73 5.08 -7.80
C LYS D 87 -3.12 5.33 -9.17
N GLN D 88 -3.86 5.03 -10.21
CA GLN D 88 -3.41 5.29 -11.56
C GLN D 88 -3.83 6.67 -12.05
N MET D 89 -4.46 7.47 -11.20
CA MET D 89 -5.13 8.68 -11.68
C MET D 89 -4.46 9.93 -11.14
N GLY D 90 -3.24 9.76 -10.62
CA GLY D 90 -2.48 10.91 -10.17
C GLY D 90 -2.40 11.96 -11.23
N ASN D 91 -2.18 11.54 -12.48
CA ASN D 91 -2.16 12.44 -13.62
C ASN D 91 -1.11 13.51 -13.43
N GLY D 92 -0.03 13.17 -12.74
CA GLY D 92 1.05 14.08 -12.48
C GLY D 92 1.12 14.52 -11.04
N ALA D 93 0.10 14.26 -10.23
CA ALA D 93 0.24 14.48 -8.79
C ALA D 93 1.53 13.88 -8.31
N LYS D 94 2.26 14.59 -7.48
CA LYS D 94 3.46 13.99 -6.93
C LYS D 94 3.14 13.09 -5.76
N ASN D 95 2.00 13.30 -5.15
CA ASN D 95 1.62 12.55 -3.96
C ASN D 95 0.15 12.25 -4.03
N MET D 96 -0.18 11.02 -3.77
CA MET D 96 -1.55 10.65 -3.52
C MET D 96 -1.64 10.28 -2.05
N TYR D 97 -2.32 11.15 -1.31
CA TYR D 97 -2.52 10.92 0.10
C TYR D 97 -3.75 10.06 0.29
N ILE D 98 -3.55 8.94 0.95
CA ILE D 98 -4.66 8.07 1.24
C ILE D 98 -4.85 8.09 2.72
N PHE D 99 -5.99 8.59 3.14
CA PHE D 99 -6.34 8.75 4.55
C PHE D 99 -7.14 7.54 4.97
N TRP D 100 -6.66 6.92 6.01
CA TRP D 100 -7.26 5.71 6.54
C TRP D 100 -7.68 5.97 7.95
N GLN D 101 -8.73 5.28 8.39
CA GLN D 101 -9.11 5.31 9.78
C GLN D 101 -8.53 4.09 10.47
N TYR D 102 -7.86 4.32 11.59
CA TYR D 102 -7.41 3.21 12.39
C TYR D 102 -8.64 2.45 12.91
N GLU D 103 -8.60 1.13 12.84
CA GLU D 103 -9.74 0.34 13.30
C GLU D 103 -9.34 -0.29 14.63
N GLN D 104 -9.94 0.20 15.70
CA GLN D 104 -9.64 -0.26 17.04
C GLN D 104 -10.72 -1.22 17.54
N LYS D 105 -10.57 -1.65 18.79
CA LYS D 105 -11.46 -2.63 19.43
C LYS D 105 -11.45 -3.95 18.67
#